data_1ZS0
#
_entry.id   1ZS0
#
_cell.length_a   32.062
_cell.length_b   67.884
_cell.length_c   70.517
_cell.angle_alpha   90.
_cell.angle_beta   90.
_cell.angle_gamma   90.
#
_symmetry.space_group_name_H-M   'P 21 21 21'
#
loop_
_entity.id
_entity.type
_entity.pdbx_description
1 polymer 'Neutrophil collagenase'
2 non-polymer 'CALCIUM ION'
3 non-polymer 'ZINC ION'
4 non-polymer "(1S)-1-{[(4'-METHOXY-1,1'-BIPHENYL-4-YL)SULFONYL]AMINO}-2-METHYLPROPYLPHOSPHONIC ACID"
5 non-polymer '2-(N-MORPHOLINO)-ETHANESULFONIC ACID'
6 water water
#
_entity_poly.entity_id   1
_entity_poly.type   'polypeptide(L)'
_entity_poly.pdbx_seq_one_letter_code
;MLTPGNPKWERTNLTYRIRNYTPQLSEAEVERAIKDAFELWSVASPLIFTRISQGEADINIAFYQRDHGDNSPFDGPNGI
LAHAFQPGQGIGGDAHFDAEETWTNTSANYNLFLVAAHEFGHSLGLAHSSDPGALMYPNYAFRETSNYSLPQDDIDGIQA
IYG
;
_entity_poly.pdbx_strand_id   A
#
loop_
_chem_comp.id
_chem_comp.type
_chem_comp.name
_chem_comp.formula
CA non-polymer 'CALCIUM ION' 'Ca 2'
EIN non-polymer '(1S)-1-{[(4'-METHOXY-1,1'-BIPHENYL-4-YL)SULFONYL]AMINO}-2-METHYLPROPYLPHOSPHONIC ACID' 'C17 H22 N O6 P S'
MES non-polymer '2-(N-MORPHOLINO)-ETHANESULFONIC ACID' 'C6 H13 N O4 S'
ZN non-polymer 'ZINC ION' 'Zn 2'
#
# COMPACT_ATOMS: atom_id res chain seq x y z
N MET A 1 0.76 -7.20 -15.27
CA MET A 1 1.41 -6.44 -14.18
C MET A 1 0.77 -5.07 -14.00
N LEU A 2 0.09 -4.59 -15.04
CA LEU A 2 -0.56 -3.29 -14.99
C LEU A 2 -2.07 -3.41 -14.89
N THR A 3 -2.68 -2.51 -14.13
CA THR A 3 -4.12 -2.49 -13.93
C THR A 3 -4.83 -2.13 -15.24
N PRO A 4 -5.91 -2.86 -15.57
CA PRO A 4 -6.65 -2.58 -16.81
C PRO A 4 -7.10 -1.13 -16.89
N GLY A 5 -7.05 -0.56 -18.08
CA GLY A 5 -7.43 0.83 -18.26
C GLY A 5 -6.21 1.70 -18.11
N ASN A 6 -5.14 1.10 -17.58
CA ASN A 6 -3.87 1.79 -17.37
C ASN A 6 -4.00 3.06 -16.54
N PRO A 7 -4.74 2.99 -15.42
CA PRO A 7 -4.90 4.18 -14.58
C PRO A 7 -3.57 4.53 -13.91
N LYS A 8 -3.15 5.79 -14.03
CA LYS A 8 -1.89 6.22 -13.43
C LYS A 8 -1.96 7.67 -13.00
N TRP A 9 -1.08 8.06 -12.10
CA TRP A 9 -1.03 9.44 -11.63
C TRP A 9 -0.38 10.30 -12.68
N GLU A 10 -0.90 11.50 -12.87
CA GLU A 10 -0.35 12.42 -13.85
C GLU A 10 0.81 13.19 -13.22
N ARG A 11 0.81 13.25 -11.90
CA ARG A 11 1.87 13.93 -11.14
C ARG A 11 2.75 12.87 -10.51
N THR A 12 4.05 13.17 -10.39
CA THR A 12 5.00 12.23 -9.81
C THR A 12 5.23 12.52 -8.32
N ASN A 13 4.89 13.73 -7.90
CA ASN A 13 5.05 14.14 -6.51
C ASN A 13 3.70 13.98 -5.82
N LEU A 14 3.55 12.89 -5.08
CA LEU A 14 2.30 12.58 -4.41
C LEU A 14 2.38 12.70 -2.89
N THR A 15 1.25 12.99 -2.28
CA THR A 15 1.20 13.11 -0.84
C THR A 15 0.34 11.99 -0.28
N TYR A 16 0.63 11.62 0.96
CA TYR A 16 -0.15 10.60 1.61
C TYR A 16 -0.43 11.08 3.01
N ARG A 17 -1.52 10.61 3.58
CA ARG A 17 -1.90 11.00 4.92
C ARG A 17 -2.39 9.77 5.67
N ILE A 18 -1.83 9.56 6.85
CA ILE A 18 -2.22 8.43 7.69
C ILE A 18 -3.39 8.97 8.52
N ARG A 19 -4.61 8.63 8.11
CA ARG A 19 -5.81 9.12 8.76
C ARG A 19 -6.04 8.62 10.17
N ASN A 20 -5.67 7.38 10.42
CA ASN A 20 -5.80 6.81 11.75
C ASN A 20 -4.78 5.71 11.91
N TYR A 21 -4.72 5.14 13.11
CA TYR A 21 -3.72 4.13 13.39
C TYR A 21 -4.26 2.87 14.03
N THR A 22 -3.50 1.79 13.87
CA THR A 22 -3.84 0.54 14.52
C THR A 22 -3.12 0.65 15.85
N PRO A 23 -3.79 0.31 16.95
CA PRO A 23 -3.15 0.40 18.27
C PRO A 23 -2.14 -0.71 18.54
N GLN A 24 -2.05 -1.66 17.61
CA GLN A 24 -1.14 -2.80 17.75
C GLN A 24 0.33 -2.45 17.59
N LEU A 25 0.58 -1.27 17.03
CA LEU A 25 1.94 -0.78 16.81
C LEU A 25 1.93 0.65 17.31
N SER A 26 3.10 1.19 17.64
CA SER A 26 3.14 2.58 18.09
C SER A 26 2.88 3.41 16.83
N GLU A 27 2.51 4.67 17.02
CA GLU A 27 2.27 5.52 15.86
C GLU A 27 3.55 5.63 15.03
N ALA A 28 4.69 5.67 15.70
CA ALA A 28 5.97 5.78 14.99
C ALA A 28 6.20 4.55 14.12
N GLU A 29 5.90 3.37 14.66
CA GLU A 29 6.07 2.12 13.91
C GLU A 29 5.16 2.10 12.69
N VAL A 30 3.93 2.61 12.86
CA VAL A 30 3.00 2.64 11.73
C VAL A 30 3.54 3.60 10.70
N GLU A 31 3.98 4.77 11.14
CA GLU A 31 4.54 5.76 10.24
C GLU A 31 5.77 5.22 9.51
N ARG A 32 6.58 4.43 10.21
CA ARG A 32 7.78 3.85 9.62
C ARG A 32 7.42 2.83 8.56
N ALA A 33 6.44 1.98 8.87
CA ALA A 33 5.99 0.96 7.93
C ALA A 33 5.52 1.62 6.65
N ILE A 34 4.71 2.66 6.79
CA ILE A 34 4.17 3.38 5.64
C ILE A 34 5.26 4.11 4.87
N LYS A 35 6.13 4.82 5.58
CA LYS A 35 7.21 5.55 4.95
C LYS A 35 8.08 4.60 4.15
N ASP A 36 8.48 3.49 4.76
CA ASP A 36 9.33 2.53 4.07
C ASP A 36 8.62 1.88 2.89
N ALA A 37 7.31 1.69 3.01
CA ALA A 37 6.54 1.08 1.93
C ALA A 37 6.57 1.99 0.70
N PHE A 38 6.39 3.29 0.92
CA PHE A 38 6.40 4.22 -0.20
C PHE A 38 7.79 4.34 -0.80
N GLU A 39 8.81 4.33 0.05
CA GLU A 39 10.18 4.44 -0.44
C GLU A 39 10.50 3.31 -1.42
N LEU A 40 9.94 2.14 -1.18
CA LEU A 40 10.18 1.00 -2.06
C LEU A 40 9.90 1.39 -3.50
N TRP A 41 8.77 2.04 -3.71
CA TRP A 41 8.36 2.45 -5.04
C TRP A 41 9.06 3.70 -5.53
N SER A 42 9.33 4.62 -4.63
CA SER A 42 9.99 5.87 -5.00
C SER A 42 11.41 5.67 -5.53
N VAL A 43 12.16 4.74 -4.95
CA VAL A 43 13.53 4.53 -5.41
C VAL A 43 13.61 3.80 -6.73
N ALA A 44 12.49 3.31 -7.23
CA ALA A 44 12.50 2.60 -8.51
C ALA A 44 11.73 3.34 -9.59
N SER A 45 11.35 4.58 -9.30
CA SER A 45 10.57 5.39 -10.24
C SER A 45 10.85 6.86 -9.97
N PRO A 46 10.16 7.76 -10.71
CA PRO A 46 10.38 9.19 -10.47
C PRO A 46 9.47 9.68 -9.36
N LEU A 47 8.65 8.77 -8.84
CA LEU A 47 7.71 9.11 -7.79
C LEU A 47 8.34 9.62 -6.51
N ILE A 48 7.74 10.66 -5.95
CA ILE A 48 8.18 11.26 -4.71
C ILE A 48 6.98 11.25 -3.78
N PHE A 49 7.18 10.82 -2.54
CA PHE A 49 6.10 10.76 -1.60
C PHE A 49 6.39 11.64 -0.38
N THR A 50 5.41 12.45 -0.02
CA THR A 50 5.54 13.33 1.13
C THR A 50 4.33 13.09 2.01
N ARG A 51 4.54 13.10 3.32
CA ARG A 51 3.45 12.88 4.26
C ARG A 51 2.86 14.19 4.73
N ILE A 52 1.54 14.20 4.92
CA ILE A 52 0.86 15.37 5.45
C ILE A 52 -0.15 14.84 6.47
N SER A 53 -0.47 15.64 7.47
CA SER A 53 -1.41 15.21 8.50
C SER A 53 -2.60 16.15 8.58
N GLN A 54 -2.66 17.10 7.65
CA GLN A 54 -3.76 18.05 7.59
C GLN A 54 -3.94 18.40 6.12
N GLY A 55 -5.20 18.51 5.69
CA GLY A 55 -5.49 18.82 4.32
C GLY A 55 -5.71 17.56 3.51
N GLU A 56 -6.01 17.71 2.23
CA GLU A 56 -6.25 16.57 1.36
C GLU A 56 -4.97 16.03 0.73
N ALA A 57 -4.71 14.75 0.97
CA ALA A 57 -3.53 14.10 0.41
C ALA A 57 -3.98 13.26 -0.77
N ASP A 58 -3.04 12.87 -1.62
CA ASP A 58 -3.37 12.05 -2.77
C ASP A 58 -3.73 10.66 -2.31
N ILE A 59 -2.96 10.11 -1.37
CA ILE A 59 -3.22 8.77 -0.88
C ILE A 59 -3.55 8.74 0.60
N ASN A 60 -4.83 8.49 0.91
CA ASN A 60 -5.26 8.40 2.28
C ASN A 60 -5.03 6.97 2.74
N ILE A 61 -4.55 6.83 3.96
CA ILE A 61 -4.28 5.53 4.55
C ILE A 61 -5.11 5.46 5.83
N ALA A 62 -5.85 4.37 5.98
CA ALA A 62 -6.67 4.23 7.17
C ALA A 62 -6.98 2.79 7.49
N PHE A 63 -7.16 2.53 8.78
CA PHE A 63 -7.49 1.20 9.28
C PHE A 63 -8.97 1.24 9.61
N TYR A 64 -9.73 0.31 9.04
CA TYR A 64 -11.15 0.27 9.27
C TYR A 64 -11.64 -1.12 9.62
N GLN A 65 -12.81 -1.16 10.24
CA GLN A 65 -13.45 -2.40 10.62
C GLN A 65 -14.74 -2.56 9.82
N ARG A 66 -14.96 -3.75 9.29
CA ARG A 66 -16.17 -4.07 8.53
C ARG A 66 -16.61 -2.95 7.59
N ASP A 67 -17.87 -2.54 7.66
CA ASP A 67 -18.36 -1.47 6.79
C ASP A 67 -17.69 -0.13 7.12
N HIS A 68 -17.12 0.52 6.12
CA HIS A 68 -16.48 1.80 6.35
C HIS A 68 -16.72 2.85 5.29
N GLY A 69 -17.91 2.82 4.71
CA GLY A 69 -18.29 3.83 3.73
C GLY A 69 -18.03 3.67 2.24
N ASP A 70 -17.25 2.69 1.83
CA ASP A 70 -16.98 2.55 0.40
C ASP A 70 -17.57 1.30 -0.25
N ASN A 71 -18.52 0.70 0.47
CA ASN A 71 -19.23 -0.47 -0.03
C ASN A 71 -18.40 -1.75 -0.16
N SER A 72 -17.15 -1.70 0.29
CA SER A 72 -16.27 -2.86 0.26
C SER A 72 -15.85 -3.08 1.70
N PRO A 73 -16.72 -3.71 2.50
CA PRO A 73 -16.44 -3.96 3.92
C PRO A 73 -15.30 -4.93 4.20
N PHE A 74 -14.68 -4.75 5.36
CA PHE A 74 -13.63 -5.65 5.76
C PHE A 74 -14.31 -6.83 6.42
N ASP A 75 -13.56 -7.87 6.72
CA ASP A 75 -14.18 -9.09 7.22
C ASP A 75 -13.63 -9.80 8.45
N GLY A 76 -12.99 -9.07 9.35
CA GLY A 76 -12.44 -9.72 10.54
C GLY A 76 -11.13 -10.41 10.19
N PRO A 77 -10.51 -11.15 11.10
CA PRO A 77 -9.24 -11.84 10.83
C PRO A 77 -9.07 -12.53 9.48
N ASN A 78 -7.89 -12.37 8.89
CA ASN A 78 -7.54 -12.98 7.60
C ASN A 78 -8.50 -12.64 6.47
N GLY A 79 -8.49 -13.40 5.39
CA GLY A 79 -9.38 -13.06 4.29
C GLY A 79 -8.95 -11.74 3.68
N ILE A 80 -9.85 -10.77 3.60
CA ILE A 80 -9.52 -9.46 3.03
C ILE A 80 -8.60 -8.72 3.99
N LEU A 81 -7.34 -8.51 3.62
CA LEU A 81 -6.40 -7.84 4.51
C LEU A 81 -6.47 -6.33 4.39
N ALA A 82 -6.70 -5.86 3.17
CA ALA A 82 -6.75 -4.44 2.89
C ALA A 82 -7.13 -4.32 1.42
N HIS A 83 -7.25 -3.09 0.96
CA HIS A 83 -7.55 -2.85 -0.44
C HIS A 83 -7.25 -1.40 -0.75
N ALA A 84 -7.01 -1.12 -2.02
CA ALA A 84 -6.68 0.22 -2.43
C ALA A 84 -7.42 0.54 -3.71
N PHE A 85 -7.51 1.83 -4.01
CA PHE A 85 -8.17 2.28 -5.21
C PHE A 85 -7.14 2.74 -6.22
N GLN A 86 -7.41 2.49 -7.49
CA GLN A 86 -6.50 2.88 -8.55
C GLN A 86 -6.32 4.39 -8.57
N PRO A 87 -5.23 4.87 -9.19
CA PRO A 87 -4.96 6.30 -9.28
C PRO A 87 -6.18 7.09 -9.73
N GLY A 88 -6.43 8.20 -9.05
CA GLY A 88 -7.58 9.03 -9.39
C GLY A 88 -7.85 10.00 -8.26
N GLN A 89 -8.78 10.92 -8.49
CA GLN A 89 -9.12 11.90 -7.46
C GLN A 89 -10.06 11.27 -6.44
N GLY A 90 -10.32 12.01 -5.36
CA GLY A 90 -11.21 11.51 -4.33
C GLY A 90 -10.68 10.30 -3.59
N ILE A 91 -11.35 9.17 -3.73
CA ILE A 91 -10.92 7.96 -3.04
C ILE A 91 -9.85 7.23 -3.84
N GLY A 92 -9.70 7.61 -5.11
CA GLY A 92 -8.68 6.99 -5.95
C GLY A 92 -7.33 7.00 -5.28
N GLY A 93 -6.62 5.88 -5.34
CA GLY A 93 -5.31 5.81 -4.73
C GLY A 93 -5.30 5.54 -3.24
N ASP A 94 -6.43 5.72 -2.57
CA ASP A 94 -6.49 5.48 -1.13
C ASP A 94 -6.28 4.01 -0.78
N ALA A 95 -5.71 3.78 0.39
CA ALA A 95 -5.44 2.43 0.85
C ALA A 95 -6.07 2.24 2.23
N HIS A 96 -6.89 1.20 2.35
CA HIS A 96 -7.55 0.88 3.61
C HIS A 96 -7.07 -0.46 4.10
N PHE A 97 -6.93 -0.57 5.40
CA PHE A 97 -6.45 -1.80 6.01
C PHE A 97 -7.45 -2.30 7.04
N ASP A 98 -7.67 -3.61 7.06
CA ASP A 98 -8.60 -4.21 8.00
C ASP A 98 -8.07 -4.09 9.43
N ALA A 99 -8.73 -3.23 10.21
CA ALA A 99 -8.35 -3.00 11.60
C ALA A 99 -8.39 -4.26 12.45
N GLU A 100 -9.13 -5.25 12.00
CA GLU A 100 -9.26 -6.49 12.77
C GLU A 100 -8.11 -7.47 12.59
N GLU A 101 -7.17 -7.13 11.72
CA GLU A 101 -6.04 -8.01 11.53
C GLU A 101 -5.04 -7.75 12.63
N THR A 102 -4.13 -8.70 12.80
CA THR A 102 -3.05 -8.51 13.75
C THR A 102 -2.06 -7.80 12.82
N TRP A 103 -1.61 -6.62 13.21
CA TRP A 103 -0.67 -5.87 12.40
C TRP A 103 0.66 -5.85 13.11
N THR A 104 1.72 -6.19 12.39
CA THR A 104 3.04 -6.27 13.00
C THR A 104 4.16 -5.69 12.16
N ASN A 105 5.36 -5.70 12.73
CA ASN A 105 6.54 -5.28 12.00
C ASN A 105 7.52 -6.41 12.26
N THR A 106 6.96 -7.62 12.32
CA THR A 106 7.71 -8.85 12.55
C THR A 106 7.30 -9.88 11.49
N SER A 107 7.76 -11.11 11.68
CA SER A 107 7.43 -12.19 10.75
C SER A 107 6.01 -12.71 10.95
N ALA A 108 5.37 -12.32 12.05
CA ALA A 108 4.01 -12.78 12.31
C ALA A 108 3.00 -12.05 11.43
N ASN A 109 2.00 -12.78 10.94
CA ASN A 109 0.96 -12.18 10.09
C ASN A 109 0.22 -11.11 10.90
N TYR A 110 0.04 -9.91 10.34
CA TYR A 110 0.48 -9.54 9.01
C TYR A 110 1.44 -8.37 9.14
N ASN A 111 2.54 -8.43 8.41
CA ASN A 111 3.50 -7.36 8.45
C ASN A 111 2.93 -6.16 7.72
N LEU A 112 2.68 -5.08 8.46
CA LEU A 112 2.08 -3.88 7.90
C LEU A 112 2.89 -3.29 6.75
N PHE A 113 4.20 -3.22 6.93
CA PHE A 113 5.06 -2.69 5.88
C PHE A 113 4.82 -3.43 4.57
N LEU A 114 4.81 -4.75 4.62
CA LEU A 114 4.60 -5.56 3.41
C LEU A 114 3.22 -5.37 2.80
N VAL A 115 2.18 -5.43 3.62
CA VAL A 115 0.84 -5.26 3.10
C VAL A 115 0.68 -3.86 2.53
N ALA A 116 1.19 -2.86 3.25
CA ALA A 116 1.07 -1.48 2.78
C ALA A 116 1.82 -1.31 1.45
N ALA A 117 3.05 -1.82 1.38
CA ALA A 117 3.84 -1.69 0.16
C ALA A 117 3.06 -2.27 -1.01
N HIS A 118 2.47 -3.44 -0.78
CA HIS A 118 1.68 -4.12 -1.80
C HIS A 118 0.47 -3.25 -2.18
N GLU A 119 -0.28 -2.80 -1.18
CA GLU A 119 -1.44 -1.98 -1.47
C GLU A 119 -1.09 -0.70 -2.22
N PHE A 120 0.05 -0.10 -1.88
CA PHE A 120 0.44 1.12 -2.58
C PHE A 120 0.73 0.84 -4.05
N GLY A 121 1.10 -0.41 -4.35
CA GLY A 121 1.34 -0.77 -5.73
C GLY A 121 0.02 -0.55 -6.45
N HIS A 122 -1.07 -0.96 -5.82
CA HIS A 122 -2.38 -0.76 -6.42
C HIS A 122 -2.69 0.72 -6.47
N SER A 123 -2.31 1.44 -5.43
CA SER A 123 -2.55 2.87 -5.35
C SER A 123 -1.85 3.59 -6.49
N LEU A 124 -0.79 2.99 -7.01
CA LEU A 124 -0.02 3.59 -8.08
C LEU A 124 -0.42 3.08 -9.46
N GLY A 125 -1.33 2.09 -9.48
CA GLY A 125 -1.80 1.58 -10.77
C GLY A 125 -1.33 0.19 -11.17
N LEU A 126 -0.62 -0.50 -10.30
CA LEU A 126 -0.15 -1.84 -10.64
C LEU A 126 -1.19 -2.89 -10.31
N ALA A 127 -1.21 -3.95 -11.11
CA ALA A 127 -2.14 -5.04 -10.91
C ALA A 127 -1.32 -6.15 -10.26
N HIS A 128 -1.91 -7.34 -10.14
CA HIS A 128 -1.22 -8.46 -9.52
C HIS A 128 -0.21 -9.12 -10.45
N SER A 129 0.80 -9.74 -9.85
CA SER A 129 1.84 -10.43 -10.59
C SER A 129 1.70 -11.93 -10.41
N SER A 130 2.15 -12.68 -11.40
CA SER A 130 2.08 -14.15 -11.34
C SER A 130 3.35 -14.66 -10.68
N ASP A 131 4.34 -13.77 -10.53
CA ASP A 131 5.60 -14.11 -9.92
C ASP A 131 5.36 -14.28 -8.42
N PRO A 132 5.59 -15.48 -7.89
CA PRO A 132 5.39 -15.76 -6.46
C PRO A 132 6.28 -14.93 -5.54
N GLY A 133 7.39 -14.44 -6.07
CA GLY A 133 8.31 -13.65 -5.27
C GLY A 133 8.08 -12.16 -5.40
N ALA A 134 7.13 -11.77 -6.25
CA ALA A 134 6.82 -10.36 -6.47
C ALA A 134 6.00 -9.78 -5.33
N LEU A 135 6.26 -8.52 -5.01
CA LEU A 135 5.52 -7.85 -3.96
C LEU A 135 4.04 -7.81 -4.34
N MET A 136 3.76 -7.70 -5.63
CA MET A 136 2.38 -7.64 -6.10
C MET A 136 1.72 -9.00 -6.31
N TYR A 137 2.31 -10.06 -5.77
CA TYR A 137 1.71 -11.39 -5.89
C TYR A 137 0.35 -11.24 -5.19
N PRO A 138 -0.69 -11.93 -5.68
CA PRO A 138 -2.05 -11.89 -5.11
C PRO A 138 -2.27 -12.38 -3.68
N ASN A 139 -1.38 -13.23 -3.19
CA ASN A 139 -1.54 -13.74 -1.84
C ASN A 139 -0.35 -13.40 -0.97
N TYR A 140 -0.65 -13.01 0.26
CA TYR A 140 0.38 -12.61 1.20
C TYR A 140 1.35 -13.71 1.61
N ALA A 141 2.62 -13.33 1.67
CA ALA A 141 3.69 -14.23 2.06
C ALA A 141 4.75 -13.34 2.69
N PHE A 142 5.18 -13.69 3.90
CA PHE A 142 6.21 -12.91 4.57
C PHE A 142 7.54 -13.06 3.85
N ARG A 143 8.29 -11.96 3.82
CA ARG A 143 9.61 -11.92 3.23
C ARG A 143 10.40 -11.06 4.21
N GLU A 144 11.69 -11.35 4.39
CA GLU A 144 12.48 -10.55 5.32
C GLU A 144 12.29 -9.08 4.99
N THR A 145 11.98 -8.30 6.02
CA THR A 145 11.73 -6.87 5.84
C THR A 145 12.86 -5.94 6.24
N SER A 146 13.82 -6.42 7.03
CA SER A 146 14.92 -5.59 7.51
C SER A 146 15.69 -4.83 6.43
N ASN A 147 15.81 -5.43 5.26
CA ASN A 147 16.52 -4.81 4.15
C ASN A 147 15.75 -5.09 2.87
N TYR A 148 14.44 -4.99 2.96
CA TYR A 148 13.56 -5.26 1.85
C TYR A 148 13.60 -4.17 0.79
N SER A 149 13.78 -4.57 -0.46
CA SER A 149 13.78 -3.65 -1.57
C SER A 149 12.81 -4.24 -2.57
N LEU A 150 12.24 -3.39 -3.42
CA LEU A 150 11.28 -3.83 -4.41
C LEU A 150 11.81 -4.99 -5.25
N PRO A 151 11.05 -6.10 -5.33
CA PRO A 151 11.47 -7.26 -6.12
C PRO A 151 11.56 -6.86 -7.59
N GLN A 152 12.33 -7.61 -8.36
CA GLN A 152 12.51 -7.30 -9.78
C GLN A 152 11.23 -7.09 -10.57
N ASP A 153 10.26 -7.99 -10.44
CA ASP A 153 9.03 -7.85 -11.21
C ASP A 153 8.27 -6.57 -10.89
N ASP A 154 8.31 -6.17 -9.63
CA ASP A 154 7.62 -4.96 -9.21
C ASP A 154 8.33 -3.73 -9.75
N ILE A 155 9.65 -3.80 -9.84
CA ILE A 155 10.43 -2.69 -10.39
C ILE A 155 10.05 -2.57 -11.86
N ASP A 156 9.92 -3.70 -12.54
CA ASP A 156 9.55 -3.69 -13.95
C ASP A 156 8.14 -3.14 -14.09
N GLY A 157 7.30 -3.43 -13.11
CA GLY A 157 5.93 -2.96 -13.14
C GLY A 157 5.77 -1.46 -12.99
N ILE A 158 6.46 -0.86 -12.03
CA ILE A 158 6.36 0.57 -11.82
C ILE A 158 7.05 1.33 -12.95
N GLN A 159 8.15 0.77 -13.44
CA GLN A 159 8.91 1.38 -14.52
C GLN A 159 8.04 1.41 -15.77
N ALA A 160 7.26 0.36 -15.98
CA ALA A 160 6.39 0.28 -17.14
C ALA A 160 5.36 1.39 -17.14
N ILE A 161 4.96 1.85 -15.95
CA ILE A 161 3.97 2.90 -15.84
C ILE A 161 4.57 4.30 -15.78
N TYR A 162 5.54 4.49 -14.89
CA TYR A 162 6.15 5.80 -14.67
C TYR A 162 7.56 6.01 -15.15
N GLY A 163 8.21 4.97 -15.66
CA GLY A 163 9.58 5.15 -16.09
C GLY A 163 10.39 5.36 -14.82
CA CA B . -7.13 9.78 -2.96
CA CA C . -9.73 -9.37 7.14
ZN ZN D . -12.21 0.54 2.02
ZN ZN E . -3.31 -6.94 -4.18
C14 EIN F . -0.27 -9.10 -0.07
C15 EIN F . 0.50 -9.87 -1.07
C16 EIN F . 1.94 -9.84 -1.07
C17 EIN F . 2.67 -9.02 -0.05
C1 EIN F . 1.90 -8.27 0.94
C2 EIN F . 0.45 -8.31 0.93
O1 EIN F . 4.14 -8.96 0.01
C3 EIN F . 4.79 -9.83 -0.93
C4 EIN F . -1.76 -9.14 -0.07
C5 EIN F . -2.46 -10.40 -0.38
C6 EIN F . -3.90 -10.46 -0.38
C7 EIN F . -4.68 -9.29 -0.06
C8 EIN F . -4.01 -8.02 0.24
C9 EIN F . -2.57 -7.94 0.25
S1 EIN F . -6.43 -9.41 -0.07
O2 EIN F . -7.02 -8.55 1.04
O3 EIN F . -6.85 -10.90 0.12
N1 EIN F . -6.99 -8.84 -1.61
C10 EIN F . -7.35 -7.47 -1.93
C11 EIN F . -8.75 -7.41 -2.70
C12 EIN F . -9.41 -6.00 -2.71
C13 EIN F . -9.80 -8.16 -1.90
P1 EIN F . -6.10 -6.77 -3.02
O4 EIN F . -5.60 -5.22 -2.57
O5 EIN F . -6.47 -6.57 -4.69
O6 EIN F . -4.66 -7.58 -2.96
O1 MES G . 13.67 -1.82 4.32
C2 MES G . 14.24 -1.34 5.54
C3 MES G . 13.52 -1.97 6.77
N4 MES G . 12.09 -1.40 6.70
C5 MES G . 11.49 -1.87 5.38
C6 MES G . 12.32 -1.49 4.14
C7 MES G . 11.30 -2.08 7.82
C8 MES G . 9.87 -1.50 7.89
S MES G . 8.97 -2.35 9.21
O1S MES G . 9.00 -3.71 8.61
O2S MES G . 7.61 -1.60 9.20
O3S MES G . 9.70 -1.80 10.26
#